data_5XJE
#
_entry.id   5XJE
#
_cell.length_a   77.550
_cell.length_b   77.550
_cell.length_c   351.890
_cell.angle_alpha   90.00
_cell.angle_beta   90.00
_cell.angle_gamma   90.00
#
_symmetry.space_group_name_H-M   'P 41 21 2'
#
loop_
_entity.id
_entity.type
_entity.pdbx_description
1 polymer 'Immunoglobulin gamma-1 heavy chain'
2 polymer 'Low affinity immunoglobulin gamma Fc region receptor III-A'
3 branched beta-D-galactopyranose-(1-4)-2-acetamido-2-deoxy-beta-D-glucopyranose-(1-2)-alpha-D-mannopyranose-(1-6)-[2-acetamido-2-deoxy-beta-D-glucopyranose-(1-2)-alpha-D-mannopyranose-(1-3)]beta-D-mannopyranose-(1-4)-2-acetamido-2-deoxy-beta-D-glucopyranose-(1-4)-[alpha-L-fucopyranose-(1-6)]2-acetamido-2-deoxy-beta-D-glucopyranose
4 branched alpha-L-fucopyranose-(1-6)-2-acetamido-2-deoxy-beta-D-glucopyranose
5 branched beta-D-mannopyranose-(1-4)-2-acetamido-2-deoxy-beta-D-glucopyranose-(1-4)-2-acetamido-2-deoxy-beta-D-glucopyranose
6 non-polymer 'CHLORIDE ION'
7 water water
#
loop_
_entity_poly.entity_id
_entity_poly.type
_entity_poly.pdbx_seq_one_letter_code
_entity_poly.pdbx_strand_id
1 'polypeptide(L)'
;TCPPCPAPELLGGPSVFLFPPKPKDTLMISRTPEVTCVVVDVSHEDPEVKFNWYVDGVEVHNAKTKPREEQYNSTYRVVS
VLTVLHQDWLNGKEYKCKVSNKALPAPIEKTISKAKGQPREPQVYTLPPSRDELTKNQVSLTCLVKGFYPSDIAVEWESN
GQPENNYKTTPPVLDSDGSFFLYSKLTVDKSRWQQGNVFSCSVMHEALHNHYTQKSLSLSPGK
;
A,B
2 'polypeptide(L)'
;EDLPKAVVFLEPQWYRVLEKDSVTLKCQGAYSPEDQSTQWFHNESLISSQASSYFIDAATVDDSGEYRCQTQLSTLSDPV
QLEVHIGWLLLQAPRWVFKEEDPIHLRCHSWKNTALHKVTYLQNGKGRKYFHHNSDFYIPKATLKDSGSYFCRGLVGSKN
VSSETVQITITQGHHHHHH
;
C
#
# COMPACT_ATOMS: atom_id res chain seq x y z
N PRO A 8 -6.97 16.21 17.04
CA PRO A 8 -6.27 16.88 15.94
C PRO A 8 -5.31 15.97 15.17
N GLU A 9 -4.32 16.57 14.50
CA GLU A 9 -3.16 15.85 13.94
C GLU A 9 -1.88 16.48 14.48
N LEU A 10 -0.80 15.68 14.55
CA LEU A 10 0.52 16.17 14.99
C LEU A 10 1.46 16.43 13.80
N LEU A 11 2.46 17.26 14.09
CA LEU A 11 3.37 17.78 13.09
C LEU A 11 4.49 16.76 12.92
N GLY A 12 5.69 17.19 12.52
CA GLY A 12 6.81 16.27 12.41
C GLY A 12 7.45 15.97 13.76
N GLY A 13 8.27 14.92 13.78
CA GLY A 13 8.88 14.37 14.99
C GLY A 13 9.10 12.91 14.72
N PRO A 14 9.67 12.15 15.69
CA PRO A 14 9.73 10.69 15.54
C PRO A 14 8.33 10.07 15.45
N SER A 15 8.27 8.92 14.80
CA SER A 15 7.03 8.14 14.70
C SER A 15 7.27 6.79 15.35
N VAL A 16 6.19 6.18 15.83
CA VAL A 16 6.26 4.94 16.58
C VAL A 16 5.32 3.90 15.99
N PHE A 17 5.85 2.68 15.84
CA PHE A 17 5.08 1.53 15.38
C PHE A 17 5.30 0.35 16.32
N LEU A 18 4.20 -0.29 16.69
CA LEU A 18 4.18 -1.32 17.70
C LEU A 18 3.63 -2.61 17.11
N PHE A 19 4.43 -3.68 17.16
CA PHE A 19 4.15 -4.92 16.46
C PHE A 19 3.95 -6.07 17.43
N PRO A 20 2.94 -6.91 17.19
CA PRO A 20 2.64 -8.03 18.09
C PRO A 20 3.55 -9.22 17.83
N PRO A 21 3.48 -10.25 18.69
CA PRO A 21 4.25 -11.46 18.43
C PRO A 21 3.63 -12.29 17.33
N LYS A 22 4.46 -13.16 16.78
CA LYS A 22 4.02 -14.13 15.79
C LYS A 22 3.03 -15.03 16.51
N PRO A 23 1.87 -15.31 15.89
CA PRO A 23 0.92 -16.30 16.43
C PRO A 23 1.54 -17.64 16.86
N LYS A 24 2.36 -18.23 16.01
CA LYS A 24 3.02 -19.48 16.38
C LYS A 24 3.87 -19.37 17.66
N ASP A 25 4.49 -18.21 17.89
CA ASP A 25 5.33 -17.99 19.07
C ASP A 25 4.50 -17.93 20.37
N THR A 26 3.24 -17.50 20.28
CA THR A 26 2.36 -17.40 21.44
C THR A 26 1.71 -18.73 21.86
N LEU A 27 1.76 -19.74 20.99
CA LEU A 27 1.02 -20.99 21.18
C LEU A 27 1.91 -22.16 21.52
N MET A 28 3.14 -22.15 20.99
CA MET A 28 4.13 -23.20 21.23
C MET A 28 5.01 -22.74 22.41
N ILE A 29 5.05 -23.54 23.48
CA ILE A 29 5.78 -23.18 24.72
C ILE A 29 7.31 -23.23 24.57
N SER A 30 7.78 -23.98 23.58
CA SER A 30 9.19 -23.97 23.18
C SER A 30 9.68 -22.67 22.48
N ARG A 31 8.78 -21.71 22.22
CA ARG A 31 9.11 -20.45 21.52
C ARG A 31 8.90 -19.25 22.43
N THR A 32 9.57 -18.15 22.09
CA THR A 32 9.50 -16.95 22.90
C THR A 32 8.81 -15.87 22.10
N PRO A 33 7.63 -15.42 22.54
CA PRO A 33 6.94 -14.35 21.86
C PRO A 33 7.40 -12.97 22.31
N GLU A 34 7.53 -12.05 21.35
CA GLU A 34 8.09 -10.71 21.59
C GLU A 34 7.11 -9.66 21.09
N VAL A 35 7.08 -8.53 21.76
CA VAL A 35 6.35 -7.37 21.31
C VAL A 35 7.41 -6.32 21.01
N THR A 36 7.36 -5.77 19.80
CA THR A 36 8.41 -4.92 19.29
C THR A 36 7.91 -3.50 19.06
N CYS A 37 8.56 -2.55 19.74
CA CYS A 37 8.29 -1.13 19.59
C CYS A 37 9.39 -0.53 18.69
N VAL A 38 9.00 0.01 17.55
CA VAL A 38 9.97 0.59 16.62
C VAL A 38 9.76 2.12 16.55
N VAL A 39 10.86 2.86 16.70
CA VAL A 39 10.84 4.31 16.58
C VAL A 39 11.70 4.70 15.37
N VAL A 40 11.08 5.33 14.38
CA VAL A 40 11.78 5.87 13.21
C VAL A 40 11.80 7.40 13.20
N ASP A 41 12.52 7.96 12.22
CA ASP A 41 12.64 9.40 12.03
C ASP A 41 13.10 10.07 13.33
N VAL A 42 14.15 9.51 13.94
CA VAL A 42 14.85 10.13 15.08
C VAL A 42 16.01 10.91 14.46
N SER A 43 16.08 12.20 14.74
CA SER A 43 17.12 13.06 14.19
C SER A 43 18.44 12.79 14.87
N HIS A 44 19.51 13.22 14.21
CA HIS A 44 20.85 13.27 14.82
C HIS A 44 20.95 14.35 15.91
N GLU A 45 20.11 15.38 15.82
CA GLU A 45 20.15 16.49 16.78
C GLU A 45 19.56 16.07 18.14
N ASP A 46 18.55 15.21 18.14
CA ASP A 46 17.94 14.70 19.37
C ASP A 46 17.74 13.20 19.25
N PRO A 47 18.85 12.44 19.34
CA PRO A 47 18.84 10.99 19.12
C PRO A 47 18.45 10.12 20.34
N GLU A 48 18.22 10.74 21.49
CA GLU A 48 17.98 10.01 22.74
C GLU A 48 16.52 9.62 22.82
N VAL A 49 16.28 8.31 22.93
CA VAL A 49 14.94 7.74 22.98
C VAL A 49 14.79 6.87 24.22
N LYS A 50 13.77 7.18 25.02
CA LYS A 50 13.41 6.44 26.23
C LYS A 50 12.13 5.65 26.01
N PHE A 51 12.19 4.37 26.34
CA PHE A 51 11.03 3.47 26.31
C PHE A 51 10.51 3.16 27.71
N ASN A 52 9.26 3.51 27.99
CA ASN A 52 8.55 3.02 29.17
C ASN A 52 7.49 2.00 28.70
N TRP A 53 7.50 0.81 29.29
CA TRP A 53 6.61 -0.32 28.90
C TRP A 53 5.59 -0.68 29.98
N TYR A 54 4.29 -0.52 29.70
CA TYR A 54 3.20 -0.87 30.66
C TYR A 54 2.37 -2.12 30.24
N VAL A 55 2.18 -3.07 31.16
CA VAL A 55 1.33 -4.27 30.96
C VAL A 55 0.00 -4.15 31.75
N ASP A 56 -1.10 -3.95 31.02
CA ASP A 56 -2.41 -3.66 31.62
C ASP A 56 -2.46 -2.39 32.51
N GLY A 57 -1.40 -1.59 32.50
CA GLY A 57 -1.25 -0.45 33.42
C GLY A 57 0.06 -0.53 34.19
N VAL A 58 0.49 -1.74 34.51
CA VAL A 58 1.67 -1.97 35.36
C VAL A 58 2.95 -1.78 34.57
N GLU A 59 3.75 -0.77 34.93
CA GLU A 59 5.07 -0.61 34.34
C GLU A 59 5.88 -1.89 34.56
N VAL A 60 6.61 -2.29 33.52
CA VAL A 60 7.49 -3.44 33.56
C VAL A 60 8.81 -2.94 33.04
N HIS A 61 9.88 -3.52 33.57
CA HIS A 61 11.24 -3.27 33.13
C HIS A 61 11.57 -4.56 32.39
N ASN A 62 12.82 -5.01 32.31
CA ASN A 62 13.15 -6.26 31.55
C ASN A 62 12.97 -6.20 30.00
N ALA A 63 12.56 -5.05 29.43
CA ALA A 63 12.58 -4.85 27.98
C ALA A 63 14.01 -4.63 27.51
N LYS A 64 14.40 -5.33 26.43
CA LYS A 64 15.77 -5.27 25.88
C LYS A 64 15.84 -4.30 24.70
N THR A 65 16.42 -3.13 24.94
CA THR A 65 16.55 -2.05 23.94
C THR A 65 17.84 -2.16 23.11
N LYS A 66 17.70 -2.39 21.80
CA LYS A 66 18.84 -2.37 20.89
C LYS A 66 19.38 -0.94 20.79
N PRO A 67 20.68 -0.78 20.46
CA PRO A 67 21.19 0.56 20.27
C PRO A 67 20.79 1.12 18.90
N ARG A 68 20.64 2.44 18.84
CA ARG A 68 20.21 3.15 17.61
C ARG A 68 21.06 2.86 16.37
N GLU A 69 20.39 2.75 15.23
CA GLU A 69 20.97 2.33 13.96
C GLU A 69 20.73 3.43 12.90
N GLU A 70 21.81 3.81 12.21
CA GLU A 70 21.82 4.87 11.19
C GLU A 70 21.10 4.30 9.97
N GLN A 71 20.04 4.95 9.50
CA GLN A 71 19.33 4.53 8.28
C GLN A 71 19.87 5.25 7.03
N TYR A 72 19.64 4.63 5.87
CA TYR A 72 20.16 5.15 4.61
C TYR A 72 19.68 6.59 4.33
N ASN A 73 18.52 6.98 4.85
CA ASN A 73 17.98 8.34 4.69
C ASN A 73 18.49 9.37 5.71
N SER A 74 19.56 9.05 6.44
CA SER A 74 20.20 9.93 7.45
C SER A 74 19.39 10.13 8.73
N THR A 75 18.39 9.28 8.99
CA THR A 75 17.69 9.25 10.29
C THR A 75 18.16 8.07 11.09
N TYR A 76 17.89 8.13 12.38
CA TYR A 76 18.05 7.00 13.29
C TYR A 76 16.73 6.21 13.46
N ARG A 77 16.87 4.89 13.63
CA ARG A 77 15.80 3.98 14.04
C ARG A 77 16.26 3.21 15.31
N VAL A 78 15.38 3.13 16.30
CA VAL A 78 15.68 2.47 17.57
C VAL A 78 14.57 1.46 17.87
N VAL A 79 14.94 0.21 18.13
CA VAL A 79 14.01 -0.86 18.50
C VAL A 79 14.13 -1.29 19.98
N SER A 80 13.00 -1.26 20.71
CA SER A 80 12.85 -1.96 22.01
C SER A 80 12.00 -3.24 21.86
N VAL A 81 12.46 -4.33 22.46
CA VAL A 81 11.81 -5.65 22.36
C VAL A 81 11.45 -6.14 23.77
N LEU A 82 10.15 -6.19 24.07
CA LEU A 82 9.64 -6.74 25.33
C LEU A 82 9.27 -8.19 25.13
N THR A 83 9.98 -9.10 25.80
CA THR A 83 9.57 -10.51 25.85
C THR A 83 8.26 -10.64 26.62
N VAL A 84 7.39 -11.51 26.12
CA VAL A 84 6.01 -11.63 26.57
C VAL A 84 5.75 -13.08 27.03
N LEU A 85 4.86 -13.21 28.03
CA LEU A 85 4.49 -14.52 28.58
C LEU A 85 3.33 -15.07 27.78
N HIS A 86 3.46 -16.30 27.28
CA HIS A 86 2.48 -16.87 26.34
C HIS A 86 1.06 -16.63 26.82
N GLN A 87 0.81 -17.01 28.08
CA GLN A 87 -0.53 -16.92 28.65
C GLN A 87 -1.04 -15.48 28.85
N ASP A 88 -0.14 -14.54 29.10
CA ASP A 88 -0.53 -13.12 29.22
C ASP A 88 -1.16 -12.60 27.91
N TRP A 89 -0.52 -12.95 26.79
CA TRP A 89 -0.98 -12.51 25.47
C TRP A 89 -2.34 -13.15 25.15
N LEU A 90 -2.46 -14.46 25.41
CA LEU A 90 -3.72 -15.19 25.17
C LEU A 90 -4.86 -14.73 26.09
N ASN A 91 -4.57 -14.38 27.36
CA ASN A 91 -5.62 -13.84 28.26
C ASN A 91 -6.05 -12.41 27.93
N GLY A 92 -5.36 -11.79 26.95
CA GLY A 92 -5.81 -10.57 26.31
C GLY A 92 -5.28 -9.32 26.97
N LYS A 93 -4.14 -9.42 27.66
CA LYS A 93 -3.58 -8.27 28.35
C LYS A 93 -3.03 -7.23 27.35
N GLU A 94 -3.25 -5.95 27.64
CA GLU A 94 -2.77 -4.84 26.82
C GLU A 94 -1.29 -4.59 27.10
N TYR A 95 -0.53 -4.33 26.03
CA TYR A 95 0.87 -3.99 26.10
C TYR A 95 1.03 -2.59 25.54
N LYS A 96 1.57 -1.70 26.37
CA LYS A 96 1.72 -0.28 26.05
C LYS A 96 3.20 0.08 25.89
N CYS A 97 3.51 0.82 24.85
CA CYS A 97 4.86 1.32 24.60
C CYS A 97 4.79 2.84 24.60
N LYS A 98 5.55 3.44 25.51
CA LYS A 98 5.65 4.87 25.65
C LYS A 98 7.05 5.25 25.19
N VAL A 99 7.10 6.21 24.27
CA VAL A 99 8.33 6.69 23.66
C VAL A 99 8.46 8.18 23.99
N SER A 100 9.61 8.52 24.58
CA SER A 100 9.92 9.90 24.95
C SER A 100 11.16 10.34 24.18
N ASN A 101 11.16 11.60 23.75
CA ASN A 101 12.29 12.18 22.99
C ASN A 101 12.09 13.69 22.92
N LYS A 102 13.20 14.44 22.97
CA LYS A 102 13.18 15.93 23.05
C LYS A 102 12.41 16.64 21.93
N ALA A 103 12.42 16.08 20.71
CA ALA A 103 11.66 16.66 19.60
C ALA A 103 10.16 16.43 19.66
N LEU A 104 9.70 15.50 20.50
CA LEU A 104 8.26 15.29 20.74
C LEU A 104 7.77 16.26 21.80
N PRO A 105 6.72 17.06 21.50
CA PRO A 105 6.19 17.89 22.58
C PRO A 105 5.70 17.03 23.74
N ALA A 106 4.85 16.04 23.41
CA ALA A 106 4.30 15.08 24.37
C ALA A 106 4.78 13.68 23.98
N PRO A 107 5.00 12.78 24.95
CA PRO A 107 5.41 11.42 24.57
C PRO A 107 4.36 10.70 23.74
N ILE A 108 4.81 9.77 22.91
CA ILE A 108 3.91 9.00 22.06
C ILE A 108 3.65 7.65 22.73
N GLU A 109 2.38 7.27 22.77
CA GLU A 109 1.96 6.02 23.39
C GLU A 109 1.22 5.17 22.37
N LYS A 110 1.57 3.89 22.32
CA LYS A 110 0.92 2.93 21.42
C LYS A 110 0.48 1.73 22.24
N THR A 111 -0.73 1.22 21.98
CA THR A 111 -1.26 0.03 22.66
C THR A 111 -1.71 -1.06 21.66
N ILE A 112 -1.37 -2.31 21.97
CA ILE A 112 -1.90 -3.48 21.25
C ILE A 112 -2.28 -4.63 22.19
N SER A 113 -3.11 -5.53 21.65
CA SER A 113 -3.44 -6.77 22.33
C SER A 113 -3.98 -7.76 21.32
N LYS A 114 -4.18 -9.00 21.76
CA LYS A 114 -4.81 -10.04 20.94
C LYS A 114 -6.23 -9.59 20.58
N ALA A 115 -6.66 -9.90 19.36
CA ALA A 115 -7.99 -9.51 18.91
C ALA A 115 -9.05 -10.04 19.92
N LYS A 116 -10.04 -9.21 20.24
CA LYS A 116 -11.06 -9.62 21.22
C LYS A 116 -12.15 -10.44 20.52
N GLY A 117 -12.92 -11.17 21.33
CA GLY A 117 -14.02 -11.99 20.84
C GLY A 117 -13.84 -13.42 21.28
N GLN A 118 -14.94 -14.17 21.23
CA GLN A 118 -15.02 -15.54 21.73
C GLN A 118 -14.24 -16.46 20.79
N PRO A 119 -13.18 -17.10 21.29
CA PRO A 119 -12.42 -18.06 20.47
C PRO A 119 -13.24 -19.22 19.96
N ARG A 120 -12.94 -19.70 18.76
CA ARG A 120 -13.64 -20.83 18.16
C ARG A 120 -12.65 -21.78 17.49
N GLU A 121 -12.84 -23.08 17.72
CA GLU A 121 -11.96 -24.16 17.29
C GLU A 121 -11.98 -24.34 15.75
N PRO A 122 -10.80 -24.32 15.09
CA PRO A 122 -10.85 -24.69 13.68
C PRO A 122 -11.20 -26.15 13.51
N GLN A 123 -11.98 -26.41 12.46
CA GLN A 123 -12.13 -27.74 11.91
C GLN A 123 -11.10 -27.81 10.78
N VAL A 124 -10.51 -28.98 10.59
CA VAL A 124 -9.43 -29.17 9.62
C VAL A 124 -9.75 -30.33 8.72
N TYR A 125 -9.78 -30.08 7.42
CA TYR A 125 -10.10 -31.12 6.47
C TYR A 125 -9.08 -31.12 5.36
N THR A 126 -8.48 -32.27 5.07
CA THR A 126 -7.55 -32.39 3.96
C THR A 126 -8.29 -32.94 2.77
N LEU A 127 -7.94 -32.48 1.57
CA LEU A 127 -8.62 -32.83 0.34
C LEU A 127 -7.60 -33.23 -0.69
N PRO A 128 -7.74 -34.43 -1.27
CA PRO A 128 -6.77 -34.88 -2.26
C PRO A 128 -6.87 -34.08 -3.55
N PRO A 129 -5.97 -34.33 -4.51
CA PRO A 129 -6.06 -33.66 -5.79
C PRO A 129 -7.30 -34.11 -6.54
N SER A 130 -7.90 -33.21 -7.31
CA SER A 130 -8.93 -33.59 -8.28
C SER A 130 -8.33 -34.58 -9.25
N ARG A 131 -9.13 -35.57 -9.68
CA ARG A 131 -8.73 -36.56 -10.69
C ARG A 131 -8.19 -35.89 -11.95
N ASP A 132 -8.76 -34.75 -12.34
CA ASP A 132 -8.30 -34.01 -13.52
C ASP A 132 -6.84 -33.52 -13.45
N GLU A 133 -6.38 -33.19 -12.23
CA GLU A 133 -4.99 -32.78 -12.01
C GLU A 133 -3.99 -33.95 -12.09
N LEU A 134 -4.42 -35.19 -11.92
CA LEU A 134 -3.50 -36.36 -12.02
C LEU A 134 -2.82 -36.55 -13.38
N THR A 135 -3.28 -35.84 -14.40
CA THR A 135 -2.58 -35.70 -15.68
C THR A 135 -1.27 -34.91 -15.57
N LYS A 136 -1.12 -34.04 -14.58
CA LYS A 136 0.01 -33.09 -14.50
C LYS A 136 1.26 -33.68 -13.83
N ASN A 137 2.40 -32.99 -14.00
CA ASN A 137 3.67 -33.39 -13.36
C ASN A 137 3.60 -33.26 -11.85
N GLN A 138 3.02 -32.16 -11.38
CA GLN A 138 2.73 -31.95 -9.96
C GLN A 138 1.24 -31.87 -9.67
N VAL A 139 0.93 -32.02 -8.40
CA VAL A 139 -0.43 -32.13 -7.92
C VAL A 139 -0.61 -31.35 -6.63
N SER A 140 -1.87 -31.04 -6.32
CA SER A 140 -2.23 -30.16 -5.22
C SER A 140 -2.96 -30.92 -4.13
N LEU A 141 -2.34 -30.92 -2.96
CA LEU A 141 -2.94 -31.39 -1.74
C LEU A 141 -3.44 -30.14 -1.07
N THR A 142 -4.65 -30.19 -0.55
CA THR A 142 -5.32 -29.02 -0.06
C THR A 142 -5.67 -29.26 1.42
N CYS A 143 -5.49 -28.24 2.22
CA CYS A 143 -5.90 -28.29 3.59
C CYS A 143 -6.87 -27.17 3.80
N LEU A 144 -8.10 -27.51 4.19
CA LEU A 144 -9.16 -26.55 4.46
C LEU A 144 -9.29 -26.41 5.97
N VAL A 145 -9.21 -25.18 6.44
CA VAL A 145 -9.31 -24.91 7.84
C VAL A 145 -10.39 -23.87 7.98
N LYS A 146 -11.44 -24.20 8.73
CA LYS A 146 -12.59 -23.30 8.90
C LYS A 146 -13.18 -23.34 10.30
N GLY A 147 -13.94 -22.30 10.62
CA GLY A 147 -14.63 -22.18 11.89
C GLY A 147 -13.79 -21.53 12.99
N PHE A 148 -12.64 -20.94 12.64
CA PHE A 148 -11.75 -20.44 13.67
C PHE A 148 -11.99 -18.99 13.99
N TYR A 149 -11.71 -18.65 15.23
CA TYR A 149 -11.69 -17.26 15.66
C TYR A 149 -10.77 -17.17 16.89
N PRO A 150 -9.95 -16.13 17.01
CA PRO A 150 -9.70 -15.12 15.98
C PRO A 150 -8.83 -15.67 14.84
N SER A 151 -8.51 -14.79 13.88
CA SER A 151 -7.77 -15.17 12.67
C SER A 151 -6.32 -15.56 12.86
N ASP A 152 -5.71 -15.14 13.97
CA ASP A 152 -4.35 -15.57 14.33
C ASP A 152 -4.26 -17.08 14.27
N ILE A 153 -3.38 -17.60 13.41
CA ILE A 153 -3.22 -19.03 13.18
C ILE A 153 -1.93 -19.29 12.41
N ALA A 154 -1.43 -20.53 12.48
CA ALA A 154 -0.30 -20.98 11.68
C ALA A 154 -0.60 -22.34 11.10
N VAL A 155 -0.28 -22.51 9.82
CA VAL A 155 -0.58 -23.75 9.14
C VAL A 155 0.66 -24.16 8.42
N GLU A 156 0.93 -25.47 8.42
CA GLU A 156 2.17 -26.05 7.90
C GLU A 156 1.93 -27.41 7.35
N TRP A 157 2.83 -27.82 6.48
CA TRP A 157 2.79 -29.13 5.88
C TRP A 157 4.04 -29.90 6.24
N GLU A 158 3.91 -31.22 6.39
CA GLU A 158 4.96 -32.11 6.88
C GLU A 158 4.87 -33.46 6.19
N SER A 159 6.00 -34.17 6.14
CA SER A 159 6.07 -35.56 5.70
C SER A 159 7.34 -36.20 6.21
N ASN A 160 7.21 -37.40 6.80
CA ASN A 160 8.32 -38.09 7.49
C ASN A 160 9.05 -37.16 8.49
N GLY A 161 8.26 -36.51 9.33
CA GLY A 161 8.77 -35.63 10.37
C GLY A 161 9.55 -34.40 9.92
N GLN A 162 9.48 -34.03 8.64
CA GLN A 162 10.19 -32.83 8.16
C GLN A 162 9.24 -31.92 7.40
N PRO A 163 9.42 -30.59 7.54
CA PRO A 163 8.58 -29.63 6.84
C PRO A 163 8.61 -29.80 5.34
N GLU A 164 7.46 -29.64 4.69
CA GLU A 164 7.41 -29.60 3.24
C GLU A 164 7.64 -28.19 2.76
N ASN A 165 8.33 -28.11 1.63
CA ASN A 165 8.92 -26.87 1.14
C ASN A 165 7.81 -25.98 0.53
N ASN A 166 7.09 -26.61 -0.40
CA ASN A 166 6.44 -25.93 -1.48
C ASN A 166 4.95 -25.80 -1.26
N TYR A 167 4.58 -24.89 -0.39
CA TYR A 167 3.17 -24.66 -0.11
C TYR A 167 2.88 -23.19 0.10
N LYS A 168 1.65 -22.80 -0.24
CA LYS A 168 1.19 -21.46 0.00
C LYS A 168 -0.19 -21.52 0.63
N THR A 169 -0.46 -20.58 1.52
CA THR A 169 -1.66 -20.56 2.33
C THR A 169 -2.36 -19.24 2.05
N THR A 170 -3.68 -19.30 1.80
CA THR A 170 -4.44 -18.09 1.55
C THR A 170 -4.51 -17.31 2.86
N PRO A 171 -4.71 -16.00 2.79
CA PRO A 171 -5.03 -15.33 4.04
C PRO A 171 -6.39 -15.78 4.59
N PRO A 172 -6.62 -15.59 5.90
CA PRO A 172 -7.95 -15.82 6.45
C PRO A 172 -9.02 -15.02 5.70
N VAL A 173 -10.15 -15.67 5.41
CA VAL A 173 -11.30 -14.99 4.82
C VAL A 173 -12.46 -15.11 5.82
N LEU A 174 -13.22 -14.03 5.97
CA LEU A 174 -14.32 -13.98 6.93
C LEU A 174 -15.51 -14.74 6.34
N ASP A 175 -16.00 -15.76 7.05
CA ASP A 175 -17.17 -16.53 6.60
C ASP A 175 -18.43 -15.77 7.05
N SER A 176 -19.59 -16.12 6.53
CA SER A 176 -20.82 -15.36 6.85
C SER A 176 -21.26 -15.46 8.34
N ASP A 177 -20.83 -16.51 9.03
CA ASP A 177 -21.08 -16.65 10.48
C ASP A 177 -20.10 -15.92 11.44
N GLY A 178 -19.23 -15.05 10.93
CA GLY A 178 -18.26 -14.32 11.78
C GLY A 178 -16.98 -15.06 12.18
N SER A 179 -16.85 -16.30 11.72
CA SER A 179 -15.63 -17.09 11.86
C SER A 179 -14.83 -16.98 10.56
N PHE A 180 -13.60 -17.45 10.58
CA PHE A 180 -12.71 -17.35 9.43
C PHE A 180 -12.42 -18.73 8.86
N PHE A 181 -12.09 -18.78 7.57
CA PHE A 181 -11.54 -19.98 6.94
C PHE A 181 -10.30 -19.61 6.11
N LEU A 182 -9.59 -20.64 5.68
CA LEU A 182 -8.53 -20.47 4.72
C LEU A 182 -8.26 -21.81 4.13
N TYR A 183 -7.47 -21.79 3.06
CA TYR A 183 -6.97 -22.97 2.41
C TYR A 183 -5.47 -22.86 2.30
N SER A 184 -4.80 -23.99 2.47
CA SER A 184 -3.37 -24.07 2.27
C SER A 184 -3.18 -25.09 1.19
N LYS A 185 -2.37 -24.75 0.19
CA LYS A 185 -2.11 -25.62 -0.96
C LYS A 185 -0.68 -26.11 -0.87
N LEU A 186 -0.51 -27.42 -0.79
CA LEU A 186 0.80 -28.07 -0.90
C LEU A 186 0.94 -28.68 -2.27
N THR A 187 1.98 -28.27 -2.99
CA THR A 187 2.29 -28.80 -4.31
C THR A 187 3.36 -29.83 -4.13
N VAL A 188 3.16 -31.02 -4.69
CA VAL A 188 4.16 -32.07 -4.62
C VAL A 188 4.27 -32.71 -6.00
N ASP A 189 5.39 -33.37 -6.27
CA ASP A 189 5.53 -34.14 -7.51
C ASP A 189 4.53 -35.29 -7.49
N LYS A 190 3.87 -35.55 -8.62
CA LYS A 190 2.82 -36.58 -8.70
C LYS A 190 3.34 -37.95 -8.30
N SER A 191 4.59 -38.25 -8.66
CA SER A 191 5.24 -39.51 -8.29
C SER A 191 5.08 -39.77 -6.81
N ARG A 192 5.40 -38.78 -5.98
CA ARG A 192 5.36 -38.96 -4.51
C ARG A 192 3.96 -39.27 -3.99
N TRP A 193 2.96 -38.68 -4.64
CA TRP A 193 1.56 -38.89 -4.25
C TRP A 193 1.11 -40.28 -4.64
N GLN A 194 1.39 -40.68 -5.87
CA GLN A 194 1.02 -42.00 -6.41
C GLN A 194 1.83 -43.16 -5.84
N GLN A 195 3.05 -42.90 -5.41
CA GLN A 195 3.83 -43.90 -4.67
C GLN A 195 3.28 -44.11 -3.24
N GLY A 196 2.44 -43.19 -2.77
CA GLY A 196 1.73 -43.36 -1.50
C GLY A 196 2.41 -42.76 -0.30
N ASN A 197 3.16 -41.69 -0.47
CA ASN A 197 3.77 -40.98 0.66
C ASN A 197 2.67 -40.27 1.48
N VAL A 198 2.87 -40.18 2.78
CA VAL A 198 1.90 -39.56 3.68
C VAL A 198 2.27 -38.09 3.98
N PHE A 199 1.30 -37.20 3.79
CA PHE A 199 1.47 -35.78 4.04
C PHE A 199 0.51 -35.34 5.12
N SER A 200 0.92 -34.36 5.92
CA SER A 200 0.13 -33.89 7.03
C SER A 200 0.02 -32.40 7.01
N CYS A 201 -1.19 -31.93 7.24
CA CYS A 201 -1.47 -30.54 7.45
C CYS A 201 -1.48 -30.33 8.95
N SER A 202 -0.68 -29.40 9.44
CA SER A 202 -0.62 -29.11 10.88
C SER A 202 -1.21 -27.75 11.11
N VAL A 203 -1.94 -27.58 12.20
CA VAL A 203 -2.61 -26.33 12.46
C VAL A 203 -2.44 -25.94 13.90
N MET A 204 -2.01 -24.70 14.12
CA MET A 204 -1.82 -24.19 15.45
C MET A 204 -2.72 -23.01 15.63
N HIS A 205 -3.59 -23.12 16.63
CA HIS A 205 -4.58 -22.15 16.97
C HIS A 205 -4.89 -22.25 18.45
N GLU A 206 -5.22 -21.12 19.06
CA GLU A 206 -5.42 -21.08 20.53
C GLU A 206 -6.58 -21.92 21.06
N ALA A 207 -7.60 -22.15 20.23
CA ALA A 207 -8.80 -22.90 20.60
C ALA A 207 -8.73 -24.42 20.35
N LEU A 208 -7.59 -24.94 19.91
CA LEU A 208 -7.37 -26.39 19.86
C LEU A 208 -6.79 -26.89 21.18
N HIS A 209 -7.13 -28.12 21.58
CA HIS A 209 -6.43 -28.82 22.66
C HIS A 209 -4.91 -28.93 22.32
N ASN A 210 -4.04 -28.56 23.28
CA ASN A 210 -2.58 -28.38 23.08
C ASN A 210 -2.17 -27.37 21.98
N HIS A 211 -3.06 -26.41 21.71
CA HIS A 211 -2.90 -25.45 20.61
C HIS A 211 -2.47 -26.09 19.26
N TYR A 212 -2.88 -27.34 19.02
CA TYR A 212 -2.35 -28.10 17.90
C TYR A 212 -3.26 -29.23 17.46
N THR A 213 -3.31 -29.42 16.13
CA THR A 213 -3.89 -30.61 15.56
C THR A 213 -3.25 -30.84 14.21
N GLN A 214 -3.32 -32.07 13.72
CA GLN A 214 -2.86 -32.36 12.38
C GLN A 214 -3.73 -33.40 11.73
N LYS A 215 -3.83 -33.34 10.41
CA LYS A 215 -4.62 -34.28 9.63
C LYS A 215 -3.76 -34.81 8.50
N SER A 216 -3.87 -36.11 8.24
CA SER A 216 -3.05 -36.76 7.25
C SER A 216 -3.77 -36.81 5.92
N LEU A 217 -3.02 -37.08 4.88
CA LEU A 217 -3.58 -37.24 3.56
C LEU A 217 -2.65 -38.14 2.79
N SER A 218 -3.20 -39.15 2.12
CA SER A 218 -2.40 -40.02 1.25
C SER A 218 -3.31 -40.72 0.29
N LEU A 219 -2.75 -41.20 -0.82
CA LEU A 219 -3.54 -41.90 -1.83
C LEU A 219 -4.20 -43.14 -1.24
N SER A 220 -5.42 -43.44 -1.68
CA SER A 220 -6.16 -44.61 -1.23
C SER A 220 -6.85 -45.35 -2.37
N PRO B 6 -15.66 19.42 14.17
CA PRO B 6 -14.79 20.43 13.55
C PRO B 6 -14.49 20.12 12.07
N ALA B 7 -13.54 20.84 11.47
CA ALA B 7 -13.08 20.59 10.10
C ALA B 7 -11.55 20.41 10.07
N PRO B 8 -11.02 19.36 9.38
CA PRO B 8 -9.57 19.12 9.32
C PRO B 8 -8.83 20.10 8.42
N GLU B 9 -7.51 20.12 8.52
CA GLU B 9 -6.68 21.20 7.99
C GLU B 9 -6.38 21.13 6.47
N LEU B 10 -6.15 19.92 5.97
CA LEU B 10 -5.98 19.64 4.54
C LEU B 10 -4.85 20.40 3.87
N LEU B 11 -3.68 20.40 4.50
CA LEU B 11 -2.55 21.18 4.03
C LEU B 11 -2.07 20.77 2.62
N GLY B 12 -2.16 19.50 2.30
CA GLY B 12 -1.76 18.99 0.98
C GLY B 12 -2.88 19.00 -0.07
N GLY B 13 -4.07 19.47 0.29
CA GLY B 13 -5.18 19.51 -0.65
C GLY B 13 -5.71 18.11 -0.95
N PRO B 14 -6.45 17.96 -2.05
CA PRO B 14 -7.04 16.69 -2.44
C PRO B 14 -6.02 15.63 -2.83
N SER B 15 -6.40 14.37 -2.65
CA SER B 15 -5.66 13.20 -3.16
C SER B 15 -6.56 12.37 -4.07
N VAL B 16 -5.91 11.69 -5.03
CA VAL B 16 -6.61 10.91 -6.07
C VAL B 16 -6.30 9.41 -5.97
N PHE B 17 -7.34 8.59 -6.11
CA PHE B 17 -7.22 7.13 -6.22
C PHE B 17 -7.98 6.70 -7.46
N LEU B 18 -7.30 5.93 -8.33
CA LEU B 18 -7.84 5.55 -9.63
C LEU B 18 -7.98 4.02 -9.66
N PHE B 19 -9.19 3.53 -9.92
CA PHE B 19 -9.48 2.09 -9.85
C PHE B 19 -9.86 1.43 -11.16
N PRO B 20 -9.50 0.16 -11.31
CA PRO B 20 -9.76 -0.54 -12.55
C PRO B 20 -11.21 -1.00 -12.68
N PRO B 21 -11.59 -1.48 -13.88
CA PRO B 21 -12.87 -2.17 -14.01
C PRO B 21 -12.91 -3.47 -13.23
N LYS B 22 -14.12 -3.93 -12.92
CA LYS B 22 -14.32 -5.26 -12.35
C LYS B 22 -13.91 -6.28 -13.44
N PRO B 23 -13.22 -7.37 -13.05
CA PRO B 23 -12.75 -8.36 -14.05
C PRO B 23 -13.86 -8.92 -14.94
N LYS B 24 -14.97 -9.30 -14.35
CA LYS B 24 -16.10 -9.83 -15.11
C LYS B 24 -16.61 -8.82 -16.13
N ASP B 25 -16.66 -7.56 -15.73
CA ASP B 25 -17.06 -6.47 -16.65
C ASP B 25 -16.20 -6.35 -17.93
N THR B 26 -14.90 -6.64 -17.84
CA THR B 26 -14.05 -6.57 -19.04
C THR B 26 -14.15 -7.80 -19.93
N LEU B 27 -14.64 -8.91 -19.39
CA LEU B 27 -14.63 -10.22 -20.07
C LEU B 27 -15.94 -10.61 -20.73
N MET B 28 -17.06 -10.09 -20.23
CA MET B 28 -18.37 -10.35 -20.82
C MET B 28 -18.78 -9.16 -21.65
N ILE B 29 -19.02 -9.40 -22.93
CA ILE B 29 -19.34 -8.32 -23.87
C ILE B 29 -20.65 -7.59 -23.52
N SER B 30 -21.58 -8.32 -22.91
CA SER B 30 -22.85 -7.76 -22.43
C SER B 30 -22.72 -6.69 -21.33
N ARG B 31 -21.61 -6.71 -20.59
CA ARG B 31 -21.44 -5.82 -19.44
C ARG B 31 -20.66 -4.57 -19.79
N THR B 32 -20.66 -3.62 -18.86
CA THR B 32 -20.10 -2.27 -19.06
C THR B 32 -18.90 -1.98 -18.11
N PRO B 33 -17.67 -2.18 -18.59
CA PRO B 33 -16.52 -1.94 -17.74
C PRO B 33 -16.19 -0.45 -17.55
N GLU B 34 -15.77 -0.09 -16.34
CA GLU B 34 -15.56 1.31 -15.95
C GLU B 34 -14.26 1.50 -15.17
N VAL B 35 -13.55 2.57 -15.48
CA VAL B 35 -12.48 3.12 -14.67
C VAL B 35 -13.05 4.25 -13.79
N THR B 36 -12.74 4.27 -12.50
CA THR B 36 -13.34 5.19 -11.54
C THR B 36 -12.26 6.06 -10.89
N CYS B 37 -12.33 7.39 -11.09
CA CYS B 37 -11.36 8.32 -10.55
C CYS B 37 -12.00 9.00 -9.35
N VAL B 38 -11.38 8.85 -8.17
CA VAL B 38 -11.98 9.23 -6.90
C VAL B 38 -11.05 10.25 -6.29
N VAL B 39 -11.61 11.39 -5.92
CA VAL B 39 -10.88 12.49 -5.35
C VAL B 39 -11.44 12.67 -3.96
N VAL B 40 -10.54 12.64 -2.95
CA VAL B 40 -10.91 12.79 -1.52
C VAL B 40 -10.14 13.97 -0.91
N ASP B 41 -10.54 14.38 0.28
CA ASP B 41 -9.99 15.60 0.91
C ASP B 41 -10.21 16.90 0.07
N VAL B 42 -11.38 16.95 -0.58
CA VAL B 42 -11.83 18.16 -1.23
C VAL B 42 -12.46 19.03 -0.14
N SER B 43 -11.95 20.25 0.02
CA SER B 43 -12.45 21.17 1.03
C SER B 43 -13.79 21.79 0.60
N HIS B 44 -14.59 22.19 1.57
CA HIS B 44 -15.82 22.96 1.36
C HIS B 44 -15.62 24.32 0.68
N GLU B 45 -14.49 24.96 0.94
CA GLU B 45 -14.17 26.26 0.37
C GLU B 45 -13.73 26.16 -1.09
N ASP B 46 -12.93 25.14 -1.45
CA ASP B 46 -12.54 24.91 -2.85
C ASP B 46 -13.03 23.55 -3.36
N PRO B 47 -14.38 23.35 -3.44
CA PRO B 47 -14.93 22.04 -3.71
C PRO B 47 -15.04 21.63 -5.19
N GLU B 48 -14.67 22.48 -6.14
CA GLU B 48 -14.81 22.10 -7.55
C GLU B 48 -13.63 21.27 -7.99
N VAL B 49 -13.92 20.22 -8.79
CA VAL B 49 -12.91 19.32 -9.34
C VAL B 49 -13.16 19.19 -10.83
N LYS B 50 -12.14 19.51 -11.61
CA LYS B 50 -12.17 19.38 -13.04
C LYS B 50 -11.41 18.13 -13.39
N PHE B 51 -12.04 17.30 -14.22
CA PHE B 51 -11.51 16.03 -14.67
C PHE B 51 -11.16 16.14 -16.13
N ASN B 52 -9.94 15.76 -16.51
CA ASN B 52 -9.65 15.38 -17.90
C ASN B 52 -9.28 13.87 -17.96
N TRP B 53 -9.80 13.16 -18.96
CA TRP B 53 -9.51 11.73 -19.14
C TRP B 53 -8.73 11.47 -20.42
N TYR B 54 -7.75 10.57 -20.38
CA TYR B 54 -6.93 10.27 -21.56
C TYR B 54 -6.74 8.77 -21.75
N VAL B 55 -6.85 8.28 -22.98
CA VAL B 55 -6.62 6.88 -23.31
C VAL B 55 -5.40 6.85 -24.24
N ASP B 56 -4.30 6.31 -23.74
CA ASP B 56 -3.02 6.28 -24.43
C ASP B 56 -2.60 7.69 -24.86
N GLY B 57 -2.86 8.66 -23.99
CA GLY B 57 -2.55 10.06 -24.26
C GLY B 57 -3.56 10.87 -25.07
N VAL B 58 -4.56 10.22 -25.66
CA VAL B 58 -5.61 10.91 -26.42
C VAL B 58 -6.83 11.23 -25.54
N GLU B 59 -7.23 12.50 -25.49
CA GLU B 59 -8.34 12.92 -24.62
C GLU B 59 -9.66 12.34 -25.10
N VAL B 60 -10.49 11.96 -24.12
CA VAL B 60 -11.84 11.44 -24.35
C VAL B 60 -12.81 12.23 -23.50
N HIS B 61 -14.07 12.32 -23.95
CA HIS B 61 -15.05 13.26 -23.37
C HIS B 61 -16.31 12.62 -22.82
N ASN B 62 -16.30 11.31 -22.63
CA ASN B 62 -17.52 10.58 -22.33
C ASN B 62 -17.68 10.23 -20.86
N ALA B 63 -16.89 10.84 -19.97
CA ALA B 63 -16.97 10.49 -18.54
C ALA B 63 -18.25 11.00 -17.93
N LYS B 64 -18.73 10.33 -16.88
CA LYS B 64 -19.91 10.79 -16.17
C LYS B 64 -19.41 11.51 -14.93
N THR B 65 -19.99 12.66 -14.65
CA THR B 65 -19.65 13.46 -13.50
C THR B 65 -20.66 13.17 -12.40
N LYS B 66 -20.20 12.67 -11.26
CA LYS B 66 -21.11 12.30 -10.16
C LYS B 66 -21.34 13.51 -9.26
N PRO B 67 -22.50 13.56 -8.58
CA PRO B 67 -22.67 14.58 -7.58
C PRO B 67 -21.72 14.33 -6.42
N ARG B 68 -21.09 15.40 -5.92
CA ARG B 68 -20.21 15.33 -4.77
C ARG B 68 -20.94 14.82 -3.52
N GLU B 69 -20.16 14.25 -2.61
CA GLU B 69 -20.66 13.49 -1.48
C GLU B 69 -20.00 14.08 -0.25
N GLU B 70 -20.83 14.58 0.66
CA GLU B 70 -20.37 15.08 1.94
C GLU B 70 -19.90 13.86 2.74
N GLN B 71 -18.65 13.92 3.24
CA GLN B 71 -18.11 12.90 4.12
C GLN B 71 -18.23 13.33 5.58
N TYR B 72 -18.20 12.35 6.48
CA TYR B 72 -18.34 12.59 7.91
C TYR B 72 -17.22 13.47 8.50
N ASN B 73 -16.03 13.45 7.90
CA ASN B 73 -14.95 14.37 8.29
C ASN B 73 -14.99 15.78 7.65
N SER B 74 -16.11 16.19 7.05
CA SER B 74 -16.31 17.57 6.49
C SER B 74 -15.47 17.87 5.26
N THR B 75 -15.37 16.87 4.40
CA THR B 75 -14.72 16.98 3.14
C THR B 75 -15.69 16.40 2.14
N TYR B 76 -15.42 16.65 0.88
CA TYR B 76 -16.17 16.03 -0.20
C TYR B 76 -15.35 14.90 -0.82
N ARG B 77 -16.09 13.91 -1.24
CA ARG B 77 -15.61 12.85 -2.09
C ARG B 77 -16.22 13.14 -3.46
N VAL B 78 -15.36 13.26 -4.48
CA VAL B 78 -15.76 13.71 -5.79
C VAL B 78 -15.23 12.72 -6.80
N VAL B 79 -16.13 12.23 -7.64
CA VAL B 79 -15.86 11.03 -8.43
C VAL B 79 -16.22 11.28 -9.89
N SER B 80 -15.39 10.75 -10.79
CA SER B 80 -15.66 10.69 -12.24
C SER B 80 -15.48 9.24 -12.70
N VAL B 81 -16.40 8.77 -13.54
CA VAL B 81 -16.44 7.39 -13.99
C VAL B 81 -16.40 7.37 -15.51
N LEU B 82 -15.45 6.63 -16.06
CA LEU B 82 -15.25 6.51 -17.50
C LEU B 82 -15.53 5.07 -17.96
N THR B 83 -16.51 4.89 -18.83
CA THR B 83 -16.74 3.59 -19.42
C THR B 83 -15.64 3.36 -20.43
N VAL B 84 -15.11 2.14 -20.46
CA VAL B 84 -14.03 1.77 -21.40
C VAL B 84 -14.49 0.71 -22.38
N LEU B 85 -13.70 0.52 -23.43
CA LEU B 85 -13.90 -0.57 -24.37
C LEU B 85 -13.14 -1.78 -23.87
N HIS B 86 -13.84 -2.92 -23.92
CA HIS B 86 -13.34 -4.22 -23.43
C HIS B 86 -11.99 -4.54 -24.05
N GLN B 87 -11.92 -4.46 -25.37
CA GLN B 87 -10.68 -4.74 -26.11
C GLN B 87 -9.49 -3.81 -25.73
N ASP B 88 -9.76 -2.52 -25.52
CA ASP B 88 -8.71 -1.56 -25.14
C ASP B 88 -8.07 -1.89 -23.80
N TRP B 89 -8.93 -2.24 -22.83
CA TRP B 89 -8.43 -2.59 -21.51
C TRP B 89 -7.59 -3.85 -21.57
N LEU B 90 -8.11 -4.88 -22.23
CA LEU B 90 -7.40 -6.14 -22.33
C LEU B 90 -6.16 -6.05 -23.23
N ASN B 91 -6.18 -5.13 -24.21
CA ASN B 91 -4.98 -4.87 -25.03
C ASN B 91 -3.93 -4.00 -24.31
N GLY B 92 -4.29 -3.40 -23.15
CA GLY B 92 -3.28 -2.76 -22.29
C GLY B 92 -3.16 -1.24 -22.46
N LYS B 93 -4.18 -0.61 -23.01
CA LYS B 93 -4.21 0.84 -23.08
C LYS B 93 -4.17 1.42 -21.65
N GLU B 94 -3.57 2.61 -21.52
CA GLU B 94 -3.40 3.25 -20.23
C GLU B 94 -4.48 4.31 -20.09
N TYR B 95 -5.12 4.34 -18.92
CA TYR B 95 -6.20 5.28 -18.68
C TYR B 95 -5.68 6.26 -17.67
N LYS B 96 -5.68 7.53 -18.08
CA LYS B 96 -5.14 8.65 -17.31
C LYS B 96 -6.25 9.55 -16.81
N CYS B 97 -6.30 9.78 -15.52
CA CYS B 97 -7.25 10.69 -14.91
C CYS B 97 -6.47 11.91 -14.44
N LYS B 98 -6.86 13.09 -14.89
CA LYS B 98 -6.21 14.35 -14.48
C LYS B 98 -7.19 15.16 -13.69
N VAL B 99 -6.82 15.45 -12.45
CA VAL B 99 -7.67 16.12 -11.48
C VAL B 99 -7.14 17.53 -11.20
N SER B 100 -7.95 18.57 -11.45
CA SER B 100 -7.58 19.98 -11.17
C SER B 100 -8.46 20.54 -10.06
N ASN B 101 -7.85 21.28 -9.15
CA ASN B 101 -8.56 21.81 -8.00
C ASN B 101 -7.76 22.98 -7.47
N LYS B 102 -8.47 23.97 -6.96
CA LYS B 102 -7.89 25.28 -6.62
C LYS B 102 -6.85 25.11 -5.49
N ALA B 103 -7.08 24.13 -4.59
CA ALA B 103 -6.19 23.87 -3.43
C ALA B 103 -4.82 23.25 -3.76
N LEU B 104 -4.55 23.00 -5.04
CA LEU B 104 -3.33 22.36 -5.48
C LEU B 104 -2.46 23.32 -6.26
N PRO B 105 -1.15 23.09 -6.26
CA PRO B 105 -0.28 23.90 -7.11
C PRO B 105 -0.37 23.52 -8.58
N ALA B 106 -0.63 22.24 -8.87
CA ALA B 106 -0.76 21.75 -10.26
C ALA B 106 -1.77 20.62 -10.30
N PRO B 107 -2.19 20.23 -11.52
CA PRO B 107 -3.05 19.03 -11.63
C PRO B 107 -2.34 17.78 -11.13
N ILE B 108 -3.08 16.92 -10.42
CA ILE B 108 -2.65 15.55 -10.12
C ILE B 108 -3.05 14.66 -11.30
N GLU B 109 -2.09 13.91 -11.83
CA GLU B 109 -2.34 12.87 -12.85
C GLU B 109 -2.17 11.46 -12.24
N LYS B 110 -3.06 10.53 -12.59
CA LYS B 110 -2.95 9.08 -12.22
C LYS B 110 -3.26 8.24 -13.44
N THR B 111 -2.50 7.16 -13.62
CA THR B 111 -2.63 6.23 -14.75
C THR B 111 -2.92 4.81 -14.24
N ILE B 112 -3.69 4.06 -15.00
CA ILE B 112 -3.96 2.68 -14.68
C ILE B 112 -4.02 1.89 -15.97
N SER B 113 -3.49 0.69 -15.95
CA SER B 113 -3.73 -0.27 -17.01
C SER B 113 -3.76 -1.68 -16.44
N LYS B 114 -4.08 -2.63 -17.31
CA LYS B 114 -3.98 -4.04 -16.98
C LYS B 114 -2.53 -4.35 -16.69
N ALA B 115 -2.34 -5.26 -15.76
CA ALA B 115 -1.03 -5.73 -15.43
C ALA B 115 -0.35 -6.30 -16.69
N LYS B 116 0.95 -6.03 -16.82
CA LYS B 116 1.72 -6.47 -17.99
C LYS B 116 2.26 -7.86 -17.70
N GLY B 117 2.64 -8.56 -18.75
CA GLY B 117 3.22 -9.87 -18.61
C GLY B 117 2.32 -10.87 -19.28
N GLN B 118 2.93 -12.00 -19.63
CA GLN B 118 2.29 -13.07 -20.40
C GLN B 118 1.04 -13.58 -19.63
N PRO B 119 -0.14 -13.49 -20.28
CA PRO B 119 -1.30 -14.17 -19.71
C PRO B 119 -1.09 -15.67 -19.60
N ARG B 120 -1.59 -16.25 -18.53
CA ARG B 120 -1.58 -17.69 -18.31
C ARG B 120 -2.96 -18.20 -17.95
N GLU B 121 -3.34 -19.31 -18.57
CA GLU B 121 -4.68 -19.89 -18.45
C GLU B 121 -4.87 -20.49 -17.07
N PRO B 122 -6.00 -20.21 -16.40
CA PRO B 122 -6.26 -20.94 -15.15
C PRO B 122 -6.56 -22.43 -15.39
N GLN B 123 -6.01 -23.28 -14.53
CA GLN B 123 -6.41 -24.66 -14.43
C GLN B 123 -7.44 -24.67 -13.31
N VAL B 124 -8.56 -25.36 -13.53
CA VAL B 124 -9.71 -25.32 -12.60
C VAL B 124 -10.05 -26.72 -12.09
N TYR B 125 -10.16 -26.90 -10.77
CA TYR B 125 -10.36 -28.23 -10.16
C TYR B 125 -11.37 -28.17 -9.04
N THR B 126 -12.38 -29.03 -9.15
CA THR B 126 -13.40 -29.10 -8.14
C THR B 126 -13.10 -30.28 -7.24
N LEU B 127 -13.33 -30.08 -5.95
CA LEU B 127 -12.95 -31.02 -4.91
C LEU B 127 -14.16 -31.26 -4.00
N PRO B 128 -14.58 -32.52 -3.87
CA PRO B 128 -15.71 -32.81 -2.98
C PRO B 128 -15.42 -32.57 -1.50
N PRO B 129 -16.46 -32.64 -0.64
CA PRO B 129 -16.25 -32.49 0.79
C PRO B 129 -15.36 -33.60 1.32
N SER B 130 -14.67 -33.31 2.41
CA SER B 130 -13.88 -34.31 3.11
C SER B 130 -14.82 -35.30 3.74
N ARG B 131 -14.43 -36.57 3.81
CA ARG B 131 -15.26 -37.57 4.50
C ARG B 131 -15.67 -37.09 5.90
N ASP B 132 -14.77 -36.42 6.62
CA ASP B 132 -15.06 -35.92 7.98
C ASP B 132 -16.07 -34.76 8.03
N GLU B 133 -16.27 -34.04 6.94
CA GLU B 133 -17.25 -32.95 6.96
C GLU B 133 -18.66 -33.51 6.84
N LEU B 134 -18.81 -34.70 6.25
CA LEU B 134 -20.15 -35.29 5.95
C LEU B 134 -21.04 -35.62 7.15
N THR B 135 -20.49 -35.57 8.35
CA THR B 135 -21.26 -35.65 9.57
C THR B 135 -22.00 -34.35 9.85
N LYS B 136 -21.57 -33.23 9.25
CA LYS B 136 -22.25 -31.94 9.48
C LYS B 136 -23.51 -31.78 8.62
N ASN B 137 -24.32 -30.77 8.93
CA ASN B 137 -25.56 -30.54 8.19
C ASN B 137 -25.31 -29.79 6.91
N GLN B 138 -24.25 -29.00 6.90
CA GLN B 138 -23.77 -28.30 5.74
C GLN B 138 -22.39 -28.80 5.38
N VAL B 139 -22.12 -28.87 4.09
CA VAL B 139 -20.81 -29.30 3.55
C VAL B 139 -20.23 -28.25 2.59
N SER B 140 -18.93 -28.38 2.33
CA SER B 140 -18.15 -27.40 1.60
C SER B 140 -17.72 -28.02 0.29
N LEU B 141 -18.07 -27.35 -0.78
CA LEU B 141 -17.64 -27.76 -2.09
C LEU B 141 -16.56 -26.77 -2.45
N THR B 142 -15.47 -27.29 -2.97
CA THR B 142 -14.28 -26.51 -3.14
C THR B 142 -13.92 -26.36 -4.60
N CYS B 143 -13.60 -25.13 -5.01
CA CYS B 143 -13.05 -24.89 -6.33
C CYS B 143 -11.65 -24.30 -6.20
N LEU B 144 -10.68 -25.01 -6.78
CA LEU B 144 -9.30 -24.54 -6.83
C LEU B 144 -9.06 -24.01 -8.22
N VAL B 145 -8.55 -22.78 -8.30
CA VAL B 145 -8.20 -22.13 -9.55
C VAL B 145 -6.75 -21.69 -9.43
N LYS B 146 -5.90 -22.22 -10.30
CA LYS B 146 -4.46 -21.99 -10.20
C LYS B 146 -3.81 -21.78 -11.55
N GLY B 147 -2.58 -21.28 -11.50
CA GLY B 147 -1.76 -21.10 -12.67
C GLY B 147 -2.19 -19.96 -13.55
N PHE B 148 -2.85 -18.93 -12.97
CA PHE B 148 -3.36 -17.84 -13.80
C PHE B 148 -2.62 -16.52 -13.64
N TYR B 149 -2.55 -15.78 -14.73
CA TYR B 149 -1.95 -14.43 -14.77
C TYR B 149 -2.67 -13.68 -15.88
N PRO B 150 -3.01 -12.41 -15.69
CA PRO B 150 -2.95 -11.67 -14.42
C PRO B 150 -3.94 -12.15 -13.35
N SER B 151 -3.87 -11.52 -12.19
CA SER B 151 -4.71 -11.86 -11.05
C SER B 151 -6.21 -11.55 -11.21
N ASP B 152 -6.57 -10.85 -12.26
CA ASP B 152 -7.95 -10.40 -12.46
C ASP B 152 -8.76 -11.58 -12.92
N ILE B 153 -9.75 -11.93 -12.11
CA ILE B 153 -10.50 -13.15 -12.34
C ILE B 153 -11.83 -13.03 -11.61
N ALA B 154 -12.85 -13.68 -12.17
CA ALA B 154 -14.13 -13.79 -11.49
C ALA B 154 -14.50 -15.26 -11.36
N VAL B 155 -15.16 -15.57 -10.26
CA VAL B 155 -15.57 -16.95 -9.93
C VAL B 155 -16.97 -16.96 -9.29
N GLU B 156 -17.79 -17.89 -9.78
CA GLU B 156 -19.18 -18.01 -9.32
C GLU B 156 -19.56 -19.49 -9.28
N TRP B 157 -20.69 -19.78 -8.66
CA TRP B 157 -21.23 -21.14 -8.67
C TRP B 157 -22.66 -21.22 -9.21
N GLU B 158 -22.97 -22.37 -9.82
CA GLU B 158 -24.31 -22.74 -10.30
C GLU B 158 -24.70 -24.18 -9.98
N SER B 159 -26.01 -24.43 -10.02
CA SER B 159 -26.58 -25.76 -10.01
C SER B 159 -27.83 -25.73 -10.86
N ASN B 160 -27.95 -26.63 -11.82
CA ASN B 160 -29.20 -26.79 -12.59
C ASN B 160 -29.69 -25.48 -13.22
N GLY B 161 -28.78 -24.75 -13.86
CA GLY B 161 -29.10 -23.48 -14.48
C GLY B 161 -29.39 -22.30 -13.57
N GLN B 162 -29.21 -22.43 -12.25
CA GLN B 162 -29.55 -21.39 -11.29
C GLN B 162 -28.31 -21.02 -10.46
N PRO B 163 -28.06 -19.70 -10.26
CA PRO B 163 -26.91 -19.32 -9.45
C PRO B 163 -26.96 -19.91 -8.03
N GLU B 164 -25.82 -20.36 -7.53
CA GLU B 164 -25.65 -20.70 -6.13
C GLU B 164 -24.78 -19.61 -5.52
N ASN B 165 -25.29 -18.91 -4.52
CA ASN B 165 -24.64 -17.73 -3.96
C ASN B 165 -24.06 -17.89 -2.58
N ASN B 166 -24.24 -19.05 -1.96
CA ASN B 166 -23.76 -19.18 -0.60
C ASN B 166 -22.28 -19.58 -0.59
N TYR B 167 -21.44 -18.73 -1.17
CA TYR B 167 -20.01 -19.03 -1.35
C TYR B 167 -19.14 -17.87 -0.95
N LYS B 168 -17.88 -18.19 -0.62
CA LYS B 168 -16.84 -17.21 -0.38
C LYS B 168 -15.59 -17.62 -1.14
N THR B 169 -14.89 -16.62 -1.67
CA THR B 169 -13.72 -16.84 -2.48
C THR B 169 -12.57 -16.07 -1.86
N THR B 170 -11.41 -16.72 -1.78
CA THR B 170 -10.23 -16.11 -1.22
C THR B 170 -9.67 -15.13 -2.25
N PRO B 171 -8.88 -14.16 -1.77
CA PRO B 171 -8.23 -13.31 -2.74
C PRO B 171 -7.21 -14.11 -3.53
N PRO B 172 -6.75 -13.56 -4.66
CA PRO B 172 -5.68 -14.19 -5.40
C PRO B 172 -4.39 -14.22 -4.59
N VAL B 173 -3.62 -15.28 -4.75
CA VAL B 173 -2.43 -15.49 -3.96
C VAL B 173 -1.30 -15.80 -4.90
N LEU B 174 -0.17 -15.11 -4.75
CA LEU B 174 0.96 -15.30 -5.65
C LEU B 174 1.56 -16.64 -5.35
N ASP B 175 1.69 -17.48 -6.37
CA ASP B 175 2.27 -18.79 -6.21
C ASP B 175 3.77 -18.70 -6.52
N SER B 176 4.50 -19.77 -6.25
CA SER B 176 5.97 -19.81 -6.41
C SER B 176 6.52 -19.60 -7.84
N ASP B 177 5.70 -19.88 -8.87
CA ASP B 177 6.07 -19.66 -10.27
C ASP B 177 5.63 -18.29 -10.81
N GLY B 178 5.20 -17.38 -9.95
CA GLY B 178 4.74 -16.06 -10.39
C GLY B 178 3.32 -16.01 -10.96
N SER B 179 2.66 -17.16 -11.07
CA SER B 179 1.23 -17.21 -11.39
C SER B 179 0.46 -17.03 -10.09
N PHE B 180 -0.85 -16.92 -10.21
CA PHE B 180 -1.73 -16.82 -9.06
C PHE B 180 -2.61 -18.05 -8.89
N PHE B 181 -3.04 -18.27 -7.65
CA PHE B 181 -4.13 -19.20 -7.36
C PHE B 181 -5.15 -18.64 -6.37
N LEU B 182 -6.33 -19.23 -6.36
CA LEU B 182 -7.30 -18.94 -5.32
C LEU B 182 -8.15 -20.17 -5.05
N TYR B 183 -8.96 -20.08 -4.01
CA TYR B 183 -9.93 -21.14 -3.69
C TYR B 183 -11.26 -20.45 -3.50
N SER B 184 -12.33 -21.14 -3.92
CA SER B 184 -13.69 -20.72 -3.64
C SER B 184 -14.41 -21.87 -2.88
N LYS B 185 -15.15 -21.50 -1.85
CA LYS B 185 -15.83 -22.46 -0.98
C LYS B 185 -17.34 -22.19 -1.07
N LEU B 186 -18.10 -23.14 -1.64
CA LEU B 186 -19.57 -23.05 -1.68
C LEU B 186 -20.13 -23.97 -0.60
N THR B 187 -20.89 -23.40 0.32
CA THR B 187 -21.48 -24.18 1.42
C THR B 187 -22.90 -24.58 1.04
N VAL B 188 -23.18 -25.88 1.01
CA VAL B 188 -24.55 -26.35 0.70
C VAL B 188 -25.11 -27.24 1.81
N ASP B 189 -26.43 -27.32 1.87
CA ASP B 189 -27.11 -28.29 2.76
C ASP B 189 -26.73 -29.66 2.33
N LYS B 190 -26.48 -30.54 3.29
CA LYS B 190 -26.00 -31.90 2.99
C LYS B 190 -27.05 -32.70 2.21
N SER B 191 -28.33 -32.48 2.54
CA SER B 191 -29.41 -33.14 1.80
C SER B 191 -29.25 -32.95 0.26
N ARG B 192 -28.95 -31.73 -0.16
CA ARG B 192 -28.84 -31.39 -1.58
C ARG B 192 -27.68 -32.08 -2.28
N TRP B 193 -26.62 -32.36 -1.55
CA TRP B 193 -25.46 -33.10 -2.07
C TRP B 193 -25.75 -34.58 -2.15
N GLN B 194 -26.41 -35.10 -1.11
CA GLN B 194 -26.80 -36.53 -1.02
C GLN B 194 -27.80 -36.91 -2.09
N GLN B 195 -28.63 -35.94 -2.49
CA GLN B 195 -29.61 -36.15 -3.57
C GLN B 195 -28.97 -36.38 -4.95
N GLY B 196 -27.71 -35.96 -5.15
CA GLY B 196 -26.99 -36.14 -6.44
C GLY B 196 -26.95 -34.91 -7.36
N ASN B 197 -27.34 -33.77 -6.84
CA ASN B 197 -27.24 -32.52 -7.58
C ASN B 197 -25.81 -32.21 -8.00
N VAL B 198 -25.67 -31.78 -9.24
CA VAL B 198 -24.38 -31.44 -9.83
C VAL B 198 -24.18 -29.95 -9.63
N PHE B 199 -23.10 -29.57 -8.94
CA PHE B 199 -22.75 -28.16 -8.75
C PHE B 199 -21.58 -27.79 -9.64
N SER B 200 -21.53 -26.53 -10.04
CA SER B 200 -20.51 -26.08 -10.96
C SER B 200 -19.89 -24.77 -10.53
N CYS B 201 -18.59 -24.71 -10.80
CA CYS B 201 -17.73 -23.63 -10.46
C CYS B 201 -17.41 -22.96 -11.81
N SER B 202 -17.75 -21.68 -11.94
CA SER B 202 -17.58 -20.94 -13.18
C SER B 202 -16.45 -19.96 -13.01
N VAL B 203 -15.53 -19.96 -13.97
CA VAL B 203 -14.38 -19.10 -13.88
C VAL B 203 -14.26 -18.23 -15.11
N MET B 204 -14.01 -16.95 -14.88
CA MET B 204 -13.84 -16.03 -16.00
C MET B 204 -12.49 -15.38 -15.95
N HIS B 205 -11.78 -15.46 -17.06
CA HIS B 205 -10.42 -14.94 -17.15
C HIS B 205 -10.03 -14.76 -18.59
N GLU B 206 -9.15 -13.80 -18.88
CA GLU B 206 -8.87 -13.42 -20.26
C GLU B 206 -8.23 -14.52 -21.07
N ALA B 207 -7.38 -15.31 -20.41
CA ALA B 207 -6.64 -16.39 -21.04
C ALA B 207 -7.45 -17.69 -21.25
N LEU B 208 -8.70 -17.76 -20.78
CA LEU B 208 -9.60 -18.90 -21.08
C LEU B 208 -10.29 -18.69 -22.43
N HIS B 209 -10.55 -19.77 -23.15
CA HIS B 209 -11.33 -19.71 -24.38
C HIS B 209 -12.72 -19.14 -24.08
N ASN B 210 -13.15 -18.16 -24.89
CA ASN B 210 -14.39 -17.39 -24.63
C ASN B 210 -14.43 -16.77 -23.22
N HIS B 211 -13.26 -16.53 -22.63
CA HIS B 211 -13.19 -16.01 -21.25
C HIS B 211 -14.00 -16.79 -20.18
N TYR B 212 -14.29 -18.07 -20.43
CA TYR B 212 -15.21 -18.85 -19.57
C TYR B 212 -14.84 -20.32 -19.54
N THR B 213 -14.83 -20.89 -18.35
CA THR B 213 -14.84 -22.33 -18.18
C THR B 213 -15.66 -22.71 -16.97
N GLN B 214 -16.03 -23.98 -16.92
CA GLN B 214 -16.95 -24.51 -15.93
C GLN B 214 -16.48 -25.91 -15.57
N LYS B 215 -16.36 -26.18 -14.28
CA LYS B 215 -16.13 -27.55 -13.85
C LYS B 215 -17.20 -27.91 -12.86
N SER B 216 -17.58 -29.17 -12.92
CA SER B 216 -18.73 -29.63 -12.19
C SER B 216 -18.29 -30.60 -11.12
N LEU B 217 -19.21 -30.93 -10.23
CA LEU B 217 -18.89 -31.72 -9.07
C LEU B 217 -20.20 -32.31 -8.56
N SER B 218 -20.22 -33.63 -8.32
CA SER B 218 -21.36 -34.29 -7.66
C SER B 218 -20.92 -35.53 -6.88
N LEU B 219 -21.81 -36.04 -6.05
CA LEU B 219 -21.64 -37.33 -5.36
C LEU B 219 -21.18 -38.47 -6.30
N SER B 220 -20.36 -39.39 -5.78
CA SER B 220 -20.15 -40.72 -6.41
C SER B 220 -19.94 -41.81 -5.36
N VAL C 8 19.73 46.17 -9.98
CA VAL C 8 19.30 44.79 -10.34
C VAL C 8 19.47 43.79 -9.17
N PHE C 9 18.83 44.08 -8.03
CA PHE C 9 18.89 43.23 -6.81
C PHE C 9 17.53 42.54 -6.56
N LEU C 10 17.57 41.26 -6.20
CA LEU C 10 16.38 40.45 -5.85
C LEU C 10 16.17 40.39 -4.34
N GLU C 11 14.93 40.62 -3.88
CA GLU C 11 14.57 40.55 -2.45
C GLU C 11 13.28 39.73 -2.23
N PRO C 12 13.37 38.45 -1.80
CA PRO C 12 14.61 37.76 -1.43
C PRO C 12 15.48 37.40 -2.60
N GLN C 13 16.72 37.03 -2.29
CA GLN C 13 17.72 36.69 -3.30
C GLN C 13 17.35 35.54 -4.25
N TRP C 14 16.29 34.79 -3.94
CA TRP C 14 15.99 33.57 -4.69
C TRP C 14 15.56 33.98 -6.09
N TYR C 15 16.32 33.47 -7.07
CA TYR C 15 16.05 33.68 -8.48
C TYR C 15 15.07 32.62 -9.03
N ARG C 16 15.13 31.41 -8.48
CA ARG C 16 14.07 30.42 -8.66
C ARG C 16 12.99 30.58 -7.57
N VAL C 17 11.75 30.84 -8.00
CA VAL C 17 10.63 31.04 -7.10
C VAL C 17 9.45 30.20 -7.56
N LEU C 18 8.39 30.20 -6.77
CA LEU C 18 7.24 29.36 -6.96
C LEU C 18 6.04 30.25 -7.20
N GLU C 19 5.10 29.80 -8.01
CA GLU C 19 3.87 30.56 -8.20
C GLU C 19 3.25 30.93 -6.85
N LYS C 20 2.83 32.18 -6.75
CA LYS C 20 2.30 32.82 -5.53
C LYS C 20 3.38 33.33 -4.55
N ASP C 21 4.67 33.21 -4.91
CA ASP C 21 5.74 33.88 -4.13
C ASP C 21 5.77 35.39 -4.42
N SER C 22 6.07 36.17 -3.38
CA SER C 22 6.36 37.59 -3.50
C SER C 22 7.82 37.75 -3.85
N VAL C 23 8.10 38.49 -4.91
CA VAL C 23 9.46 38.91 -5.23
C VAL C 23 9.47 40.44 -5.19
N THR C 24 10.65 41.01 -4.93
CA THR C 24 10.87 42.45 -4.97
C THR C 24 12.21 42.73 -5.66
N LEU C 25 12.20 43.70 -6.59
CA LEU C 25 13.35 43.98 -7.43
C LEU C 25 13.83 45.41 -7.18
N LYS C 26 15.15 45.59 -7.05
CA LYS C 26 15.77 46.87 -6.71
C LYS C 26 16.67 47.38 -7.85
N CYS C 27 16.87 48.70 -7.90
CA CYS C 27 17.72 49.35 -8.92
C CYS C 27 18.98 49.97 -8.33
N GLN C 28 19.95 50.18 -9.22
CA GLN C 28 21.21 50.85 -8.91
C GLN C 28 21.01 52.37 -8.88
N TRP C 40 12.15 49.76 -16.22
CA TRP C 40 12.58 48.37 -16.38
C TRP C 40 12.25 47.77 -17.77
N PHE C 41 12.99 46.73 -18.12
CA PHE C 41 12.79 45.98 -19.37
C PHE C 41 12.50 44.49 -19.07
N HIS C 42 11.21 44.14 -18.99
CA HIS C 42 10.75 42.75 -18.83
C HIS C 42 10.74 42.03 -20.21
N ASN C 43 11.69 41.12 -20.41
CA ASN C 43 11.94 40.44 -21.71
C ASN C 43 12.25 41.44 -22.86
N GLU C 44 13.03 42.48 -22.54
CA GLU C 44 13.31 43.61 -23.44
C GLU C 44 12.03 44.34 -23.87
N SER C 45 11.31 44.88 -22.89
CA SER C 45 10.01 45.54 -23.13
C SER C 45 9.55 46.37 -21.92
N LEU C 46 8.75 47.42 -22.18
CA LEU C 46 8.38 48.40 -21.14
C LEU C 46 7.43 47.83 -20.08
N ILE C 47 7.40 48.51 -18.92
CA ILE C 47 6.70 48.06 -17.72
C ILE C 47 5.62 49.04 -17.25
N SER C 48 4.83 48.62 -16.26
CA SER C 48 3.72 49.42 -15.72
C SER C 48 4.17 50.64 -14.88
N SER C 49 5.28 50.52 -14.12
CA SER C 49 5.75 51.61 -13.23
C SER C 49 7.26 51.64 -13.01
N GLN C 50 7.76 52.82 -12.60
CA GLN C 50 9.20 53.09 -12.39
C GLN C 50 9.46 53.57 -10.96
N TYR C 54 10.54 47.05 -8.82
CA TYR C 54 9.23 46.51 -9.15
C TYR C 54 8.82 45.42 -8.15
N PHE C 55 7.60 45.54 -7.62
CA PHE C 55 7.01 44.55 -6.70
C PHE C 55 6.14 43.54 -7.48
N ILE C 56 6.53 42.26 -7.47
CA ILE C 56 5.67 41.15 -7.92
C ILE C 56 4.94 40.60 -6.69
N ASP C 57 3.64 40.86 -6.61
CA ASP C 57 2.84 40.50 -5.44
C ASP C 57 2.53 38.99 -5.29
N ALA C 58 2.53 38.25 -6.41
CA ALA C 58 2.09 36.84 -6.43
C ALA C 58 2.42 36.28 -7.79
N ALA C 59 3.58 35.64 -7.89
CA ALA C 59 4.13 35.27 -9.19
C ALA C 59 3.28 34.27 -9.98
N THR C 60 3.50 34.28 -11.29
CA THR C 60 2.98 33.25 -12.19
C THR C 60 4.09 32.97 -13.18
N VAL C 61 3.90 31.95 -14.02
CA VAL C 61 4.92 31.52 -14.98
C VAL C 61 5.31 32.68 -15.92
N ASP C 62 4.38 33.58 -16.22
CA ASP C 62 4.66 34.70 -17.13
C ASP C 62 5.61 35.75 -16.54
N ASP C 63 5.64 35.88 -15.22
CA ASP C 63 6.61 36.75 -14.55
C ASP C 63 8.06 36.28 -14.68
N SER C 64 8.30 35.06 -15.16
CA SER C 64 9.67 34.58 -15.50
C SER C 64 10.38 35.45 -16.53
N GLY C 65 11.66 35.14 -16.78
CA GLY C 65 12.41 35.70 -17.91
C GLY C 65 13.51 36.68 -17.53
N GLU C 66 13.97 37.44 -18.53
CA GLU C 66 15.06 38.42 -18.40
C GLU C 66 14.56 39.74 -17.79
N TYR C 67 15.40 40.39 -16.98
CA TYR C 67 15.07 41.68 -16.35
C TYR C 67 16.30 42.62 -16.36
N ARG C 68 16.07 43.88 -16.75
CA ARG C 68 17.09 44.97 -16.73
C ARG C 68 16.44 46.25 -16.20
N CYS C 69 17.26 47.24 -15.82
CA CYS C 69 16.70 48.48 -15.24
C CYS C 69 17.43 49.79 -15.64
N GLN C 70 16.73 50.92 -15.42
CA GLN C 70 17.14 52.26 -15.92
C GLN C 70 16.26 53.40 -15.35
N THR C 71 16.85 54.60 -15.19
CA THR C 71 16.08 55.82 -14.82
C THR C 71 16.75 57.15 -15.27
N SER C 74 19.98 56.07 -14.21
CA SER C 74 21.40 55.77 -14.34
C SER C 74 21.66 55.06 -15.69
N THR C 75 22.69 54.20 -15.76
CA THR C 75 23.03 53.43 -16.98
C THR C 75 21.95 52.36 -17.34
N LEU C 76 22.27 51.40 -18.21
CA LEU C 76 21.46 50.19 -18.41
C LEU C 76 22.17 49.00 -17.77
N SER C 77 21.44 48.24 -16.96
CA SER C 77 22.02 47.17 -16.12
C SER C 77 22.38 45.91 -16.92
N ASP C 78 22.98 44.93 -16.24
CA ASP C 78 23.20 43.59 -16.79
C ASP C 78 21.86 42.82 -16.91
N PRO C 79 21.87 41.64 -17.57
CA PRO C 79 20.67 40.77 -17.51
C PRO C 79 20.62 39.96 -16.20
N VAL C 80 19.45 39.92 -15.56
CA VAL C 80 19.20 39.15 -14.32
C VAL C 80 17.98 38.23 -14.52
N GLN C 81 18.20 36.91 -14.48
CA GLN C 81 17.18 35.91 -14.82
C GLN C 81 16.30 35.50 -13.61
N LEU C 82 14.98 35.39 -13.83
CA LEU C 82 14.00 34.96 -12.80
C LEU C 82 13.18 33.77 -13.32
N GLU C 83 13.32 32.61 -12.68
CA GLU C 83 12.54 31.43 -13.03
C GLU C 83 11.40 31.25 -12.04
N VAL C 84 10.15 31.33 -12.52
CA VAL C 84 8.97 30.98 -11.73
C VAL C 84 8.65 29.53 -12.12
N HIS C 85 8.46 28.69 -11.11
CA HIS C 85 8.25 27.25 -11.25
C HIS C 85 6.88 26.90 -10.66
N ILE C 86 6.36 25.76 -11.09
CA ILE C 86 5.09 25.23 -10.61
C ILE C 86 5.40 23.98 -9.79
N GLY C 87 4.84 23.88 -8.58
CA GLY C 87 5.08 22.70 -7.73
C GLY C 87 4.78 22.90 -6.27
N TRP C 88 4.80 21.81 -5.52
CA TRP C 88 4.73 21.86 -4.06
C TRP C 88 6.02 22.37 -3.42
N LEU C 89 7.16 22.01 -4.00
CA LEU C 89 8.46 22.28 -3.40
C LEU C 89 9.46 22.71 -4.43
N LEU C 90 10.39 23.55 -4.00
CA LEU C 90 11.42 24.09 -4.88
C LEU C 90 12.74 24.26 -4.13
N LEU C 91 13.79 23.63 -4.62
CA LEU C 91 15.07 23.68 -3.93
C LEU C 91 15.78 24.94 -4.39
N GLN C 92 15.86 25.92 -3.49
CA GLN C 92 16.45 27.24 -3.79
C GLN C 92 17.89 27.36 -3.30
N ALA C 93 18.77 27.86 -4.18
CA ALA C 93 20.12 28.31 -3.79
C ALA C 93 20.43 29.68 -4.41
N PRO C 94 21.39 30.44 -3.83
CA PRO C 94 21.82 31.75 -4.39
C PRO C 94 22.49 31.63 -5.78
N ARG C 95 23.21 30.53 -5.97
CA ARG C 95 23.77 30.12 -7.26
C ARG C 95 24.02 28.61 -7.20
N TRP C 96 24.43 28.02 -8.31
CA TRP C 96 24.65 26.57 -8.43
C TRP C 96 26.13 26.13 -8.61
N VAL C 97 27.05 27.07 -8.71
CA VAL C 97 28.50 26.79 -8.80
C VAL C 97 29.26 27.46 -7.63
N PHE C 98 30.03 26.65 -6.91
CA PHE C 98 30.67 27.06 -5.63
C PHE C 98 32.16 26.74 -5.62
N LYS C 99 32.95 27.63 -5.03
CA LYS C 99 34.40 27.38 -4.81
C LYS C 99 34.54 26.45 -3.59
N GLU C 100 35.61 25.65 -3.55
CA GLU C 100 35.97 24.92 -2.33
C GLU C 100 35.99 25.89 -1.13
N GLU C 101 35.51 25.41 0.01
CA GLU C 101 35.32 26.21 1.25
C GLU C 101 34.24 27.30 1.26
N ASP C 102 33.53 27.55 0.15
CA ASP C 102 32.38 28.46 0.17
C ASP C 102 31.21 27.81 0.92
N PRO C 103 30.36 28.64 1.54
CA PRO C 103 29.16 28.12 2.19
C PRO C 103 28.00 27.92 1.19
N ILE C 104 27.41 26.72 1.19
CA ILE C 104 26.25 26.37 0.37
C ILE C 104 24.97 26.44 1.22
N HIS C 105 24.08 27.39 0.90
CA HIS C 105 22.82 27.62 1.63
C HIS C 105 21.64 27.11 0.78
N LEU C 106 21.06 25.97 1.17
CA LEU C 106 19.90 25.41 0.45
C LEU C 106 18.63 25.65 1.23
N ARG C 107 17.56 26.01 0.52
CA ARG C 107 16.25 26.22 1.13
C ARG C 107 15.25 25.33 0.40
N CYS C 108 14.48 24.57 1.18
CA CYS C 108 13.43 23.73 0.65
C CYS C 108 12.14 24.50 0.81
N HIS C 109 11.74 25.16 -0.26
CA HIS C 109 10.67 26.13 -0.21
C HIS C 109 9.36 25.47 -0.62
N SER C 110 8.35 25.64 0.20
CA SER C 110 7.06 25.05 -0.03
C SER C 110 6.10 26.10 -0.59
N TRP C 111 5.21 25.65 -1.47
CA TRP C 111 4.17 26.44 -2.12
C TRP C 111 3.36 27.10 -1.04
N LYS C 112 3.16 28.43 -1.18
CA LYS C 112 2.48 29.30 -0.18
C LYS C 112 3.04 29.18 1.25
N ASN C 113 4.31 28.79 1.36
CA ASN C 113 4.92 28.48 2.66
C ASN C 113 4.05 27.56 3.53
N THR C 114 3.48 26.55 2.87
CA THR C 114 2.68 25.53 3.55
C THR C 114 3.62 24.77 4.47
N ALA C 115 3.17 24.55 5.69
CA ALA C 115 3.92 23.78 6.68
C ALA C 115 4.39 22.44 6.08
N LEU C 116 5.71 22.22 6.15
CA LEU C 116 6.36 21.03 5.63
C LEU C 116 7.05 20.33 6.81
N HIS C 117 6.89 19.01 6.93
CA HIS C 117 7.46 18.26 8.05
C HIS C 117 8.12 16.97 7.57
N LYS C 118 8.98 16.41 8.42
CA LYS C 118 9.79 15.25 8.05
C LYS C 118 10.53 15.47 6.71
N VAL C 119 11.35 16.52 6.71
CA VAL C 119 12.02 17.03 5.53
C VAL C 119 13.39 16.39 5.35
N THR C 120 13.63 15.90 4.15
CA THR C 120 14.92 15.30 3.82
C THR C 120 15.51 15.98 2.58
N TYR C 121 16.78 16.38 2.70
CA TYR C 121 17.57 16.90 1.58
C TYR C 121 18.39 15.73 1.10
N LEU C 122 18.24 15.35 -0.17
CA LEU C 122 19.00 14.23 -0.73
C LEU C 122 20.11 14.71 -1.65
N GLN C 123 21.17 13.90 -1.72
CA GLN C 123 22.28 14.11 -2.65
C GLN C 123 22.50 12.79 -3.36
N ASN C 124 22.51 12.84 -4.69
CA ASN C 124 22.74 11.66 -5.51
C ASN C 124 21.86 10.48 -5.12
N GLY C 125 20.59 10.76 -4.85
CA GLY C 125 19.62 9.74 -4.44
C GLY C 125 19.71 9.21 -3.00
N LYS C 126 20.59 9.78 -2.17
CA LYS C 126 20.76 9.40 -0.77
C LYS C 126 20.40 10.53 0.20
N GLY C 127 19.57 10.22 1.20
CA GLY C 127 19.31 11.14 2.30
C GLY C 127 20.58 11.61 3.00
N ARG C 128 20.81 12.91 2.97
CA ARG C 128 22.00 13.50 3.58
C ARG C 128 21.68 14.15 4.91
N LYS C 129 20.62 14.97 4.97
CA LYS C 129 20.22 15.66 6.19
C LYS C 129 18.72 15.63 6.36
N TYR C 130 18.27 15.32 7.59
CA TYR C 130 16.86 15.17 7.90
C TYR C 130 16.44 16.16 8.96
N PHE C 131 15.25 16.73 8.83
CA PHE C 131 14.71 17.67 9.82
C PHE C 131 13.28 17.30 10.12
N HIS C 132 12.89 17.42 11.40
CA HIS C 132 11.50 17.17 11.82
C HIS C 132 10.57 18.21 11.28
N HIS C 133 11.05 19.46 11.27
CA HIS C 133 10.34 20.59 10.71
C HIS C 133 11.19 21.26 9.63
N ASN C 134 10.54 21.83 8.61
CA ASN C 134 11.26 22.45 7.51
C ASN C 134 12.33 23.43 8.03
N SER C 135 13.54 23.26 7.52
CA SER C 135 14.67 24.07 7.91
C SER C 135 15.58 24.12 6.71
N ASP C 136 16.31 25.21 6.61
CA ASP C 136 17.29 25.36 5.57
C ASP C 136 18.48 24.43 5.90
N PHE C 137 19.07 23.89 4.86
CA PHE C 137 20.23 23.02 5.00
C PHE C 137 21.47 23.81 4.59
N TYR C 138 22.21 24.27 5.59
CA TYR C 138 23.37 25.15 5.40
C TYR C 138 24.62 24.27 5.48
N ILE C 139 25.46 24.30 4.44
CA ILE C 139 26.76 23.64 4.49
C ILE C 139 27.80 24.77 4.63
N PRO C 140 28.52 24.82 5.76
CA PRO C 140 29.39 25.99 5.96
C PRO C 140 30.67 25.99 5.12
N LYS C 141 31.25 24.82 4.84
CA LYS C 141 32.49 24.71 4.04
C LYS C 141 32.41 23.65 2.93
N ALA C 142 32.16 24.12 1.71
CA ALA C 142 32.02 23.23 0.59
C ALA C 142 33.32 22.47 0.32
N THR C 143 33.18 21.20 -0.05
CA THR C 143 34.27 20.32 -0.42
C THR C 143 33.91 19.74 -1.78
N LEU C 144 34.83 19.01 -2.40
CA LEU C 144 34.57 18.35 -3.69
C LEU C 144 33.46 17.31 -3.60
N LYS C 145 33.42 16.61 -2.47
CA LYS C 145 32.40 15.58 -2.15
C LYS C 145 30.93 16.09 -2.18
N ASP C 146 30.73 17.41 -2.05
CA ASP C 146 29.41 18.06 -2.11
C ASP C 146 28.81 18.25 -3.51
N SER C 147 29.47 17.76 -4.57
CA SER C 147 28.89 17.79 -5.92
C SER C 147 27.93 16.64 -6.11
N GLY C 148 26.92 16.89 -6.94
CA GLY C 148 25.89 15.88 -7.26
C GLY C 148 24.54 16.54 -7.48
N SER C 149 23.53 15.72 -7.80
CA SER C 149 22.15 16.19 -7.90
C SER C 149 21.48 16.14 -6.52
N TYR C 150 20.83 17.25 -6.16
CA TYR C 150 20.15 17.44 -4.92
C TYR C 150 18.67 17.60 -5.19
N PHE C 151 17.83 17.10 -4.27
CA PHE C 151 16.45 17.56 -4.16
C PHE C 151 16.01 17.47 -2.73
N CYS C 152 14.86 18.06 -2.43
CA CYS C 152 14.26 17.86 -1.13
C CYS C 152 12.89 17.22 -1.21
N ARG C 153 12.46 16.66 -0.08
CA ARG C 153 11.10 16.15 0.06
C ARG C 153 10.64 16.20 1.49
N GLY C 154 9.34 16.03 1.68
CA GLY C 154 8.73 16.16 2.97
C GLY C 154 7.25 15.93 2.88
N LEU C 155 6.56 16.15 3.99
CA LEU C 155 5.15 15.91 4.12
C LEU C 155 4.45 17.22 4.31
N VAL C 156 3.38 17.43 3.54
CA VAL C 156 2.50 18.57 3.69
C VAL C 156 1.19 17.95 4.13
N GLY C 157 0.81 18.14 5.39
CA GLY C 157 -0.22 17.30 6.00
C GLY C 157 0.26 15.86 5.93
N SER C 158 -0.47 15.00 5.22
CA SER C 158 -0.04 13.60 5.02
C SER C 158 0.30 13.30 3.56
N LYS C 159 0.47 14.33 2.74
CA LYS C 159 0.86 14.14 1.36
C LYS C 159 2.39 14.20 1.24
N ASN C 160 2.95 13.20 0.56
CA ASN C 160 4.36 13.06 0.32
C ASN C 160 4.67 13.83 -0.97
N VAL C 161 5.54 14.85 -0.85
CA VAL C 161 5.90 15.74 -1.96
C VAL C 161 7.40 15.90 -2.11
N SER C 162 7.85 16.12 -3.34
CA SER C 162 9.27 16.30 -3.61
C SER C 162 9.52 17.42 -4.62
N SER C 163 10.70 18.02 -4.56
CA SER C 163 11.10 19.02 -5.52
C SER C 163 11.80 18.34 -6.68
N GLU C 164 11.97 19.09 -7.76
CA GLU C 164 12.79 18.67 -8.88
C GLU C 164 14.22 18.74 -8.42
N THR C 165 15.10 18.06 -9.14
CA THR C 165 16.50 18.05 -8.79
C THR C 165 17.20 19.29 -9.36
N VAL C 166 18.35 19.60 -8.78
CA VAL C 166 19.22 20.66 -9.27
C VAL C 166 20.64 20.15 -9.16
N GLN C 167 21.53 20.60 -10.04
CA GLN C 167 22.93 20.19 -9.99
C GLN C 167 23.76 21.27 -9.34
N ILE C 168 24.61 20.83 -8.40
CA ILE C 168 25.58 21.70 -7.75
C ILE C 168 26.96 21.15 -8.15
N THR C 169 27.80 22.04 -8.65
CA THR C 169 29.19 21.70 -8.97
C THR C 169 30.14 22.54 -8.12
N ILE C 170 31.27 21.92 -7.77
CA ILE C 170 32.27 22.50 -6.89
C ILE C 170 33.58 22.55 -7.66
N THR C 171 34.24 23.71 -7.66
CA THR C 171 35.58 23.88 -8.27
C THR C 171 36.57 24.48 -7.27
N GLN C 172 37.85 24.51 -7.65
CA GLN C 172 38.95 24.81 -6.72
C GLN C 172 39.29 26.31 -6.72
#